data_3KMZ
#
_entry.id   3KMZ
#
_cell.length_a   104.831
_cell.length_b   105.625
_cell.length_c   53.382
_cell.angle_alpha   90.00
_cell.angle_beta   89.92
_cell.angle_gamma   90.00
#
_symmetry.space_group_name_H-M   'C 1 2 1'
#
loop_
_entity.id
_entity.type
_entity.pdbx_description
1 polymer 'Retinoic acid receptor alpha'
2 polymer 'Nuclear receptor corepressor 1'
3 non-polymer '4-{(E)-2-[5,5-dimethyl-8-(phenylethynyl)-5,6-dihydronaphthalen-2-yl]ethenyl}benzoic acid'
4 non-polymer GLYCEROL
5 water water
#
loop_
_entity_poly.entity_id
_entity_poly.type
_entity_poly.pdbx_seq_one_letter_code
_entity_poly.pdbx_strand_id
1 'polypeptide(L)'
;MGSSHHHHHHSSGLVPRGSHESYTLTPEVGELIEKVRKAHQETFPALCQLGKYTTNNSSEQRVSLDIDLWDKFSELSTKC
IIKTVEFAKQLPGFTTLTIADQITLLKAACLDILILRICTRYTPEQDTMTFSDGLTLNRTQMHNAGFGPLTDLVFAFANQ
LLPLEMDDAETGLLSAICLICGDRQDLEQPDRVDMLQEPLLEALKVYVRKRRPSRPHMFPKMLMKITDLRSISAKGAERV
ITLKMEIPGSMPPLIQEMLENSEGLD
;
B,A
2 'polypeptide(L)' RLITLADHI(CSO)QIITQDFAR C,D
#
loop_
_chem_comp.id
_chem_comp.type
_chem_comp.name
_chem_comp.formula
EQO non-polymer '4-{(E)-2-[5,5-dimethyl-8-(phenylethynyl)-5,6-dihydronaphthalen-2-yl]ethenyl}benzoic acid' 'C29 H24 O2'
GOL non-polymer GLYCEROL 'C3 H8 O3'
#
# COMPACT_ATOMS: atom_id res chain seq x y z
N THR A 26 -36.56 18.41 -32.29
CA THR A 26 -36.86 18.57 -30.82
C THR A 26 -37.68 17.40 -30.21
N PRO A 27 -38.67 16.85 -30.94
CA PRO A 27 -39.26 15.61 -30.40
C PRO A 27 -38.23 14.48 -30.28
N GLU A 28 -37.43 14.28 -31.33
CA GLU A 28 -36.40 13.25 -31.32
C GLU A 28 -35.19 13.65 -30.47
N VAL A 29 -34.98 14.95 -30.31
CA VAL A 29 -33.93 15.50 -29.44
C VAL A 29 -34.39 15.41 -27.98
N GLY A 30 -35.65 15.77 -27.73
CA GLY A 30 -36.27 15.58 -26.43
C GLY A 30 -36.18 14.14 -25.92
N GLU A 31 -36.47 13.17 -26.80
CA GLU A 31 -36.44 11.77 -26.39
C GLU A 31 -35.01 11.23 -26.19
N LEU A 32 -34.04 11.79 -26.93
CA LEU A 32 -32.63 11.42 -26.73
C LEU A 32 -32.14 11.90 -25.38
N ILE A 33 -32.48 13.14 -25.03
CA ILE A 33 -32.07 13.71 -23.74
C ILE A 33 -32.63 12.88 -22.60
N GLU A 34 -33.89 12.48 -22.77
CA GLU A 34 -34.60 11.65 -21.79
CA GLU A 34 -34.57 11.67 -21.76
C GLU A 34 -33.92 10.30 -21.60
N LYS A 35 -33.58 9.65 -22.72
CA LYS A 35 -32.90 8.35 -22.67
C LYS A 35 -31.53 8.44 -21.97
N VAL A 36 -30.79 9.51 -22.24
CA VAL A 36 -29.44 9.69 -21.67
C VAL A 36 -29.49 10.10 -20.19
N ARG A 37 -30.39 11.02 -19.85
CA ARG A 37 -30.59 11.42 -18.45
C ARG A 37 -30.90 10.19 -17.59
N LYS A 38 -31.86 9.39 -18.06
CA LYS A 38 -32.31 8.16 -17.42
C LYS A 38 -31.18 7.13 -17.31
N ALA A 39 -30.44 6.94 -18.39
CA ALA A 39 -29.26 6.05 -18.40
C ALA A 39 -28.25 6.43 -17.31
N HIS A 40 -27.98 7.74 -17.19
CA HIS A 40 -27.09 8.22 -16.14
C HIS A 40 -27.68 7.98 -14.74
N GLN A 41 -28.93 8.38 -14.55
CA GLN A 41 -29.57 8.29 -13.22
C GLN A 41 -29.66 6.87 -12.70
N GLU A 42 -29.98 5.92 -13.59
CA GLU A 42 -30.17 4.54 -13.15
CA GLU A 42 -30.17 4.52 -13.19
C GLU A 42 -28.84 3.81 -12.90
N THR A 43 -27.72 4.44 -13.26
CA THR A 43 -26.39 3.84 -13.07
C THR A 43 -25.49 4.66 -12.14
N PHE A 44 -26.05 5.73 -11.57
CA PHE A 44 -25.27 6.65 -10.74
C PHE A 44 -26.19 7.44 -9.80
N PRO A 45 -26.31 6.99 -8.55
CA PRO A 45 -27.20 7.67 -7.61
C PRO A 45 -26.81 9.12 -7.38
N ALA A 46 -27.82 9.97 -7.17
CA ALA A 46 -27.62 11.36 -6.78
C ALA A 46 -27.11 11.37 -5.34
N LEU A 47 -26.29 12.37 -5.03
CA LEU A 47 -25.81 12.59 -3.68
C LEU A 47 -26.95 12.65 -2.64
N CYS A 48 -28.04 13.32 -2.99
CA CYS A 48 -29.22 13.42 -2.12
C CYS A 48 -29.97 12.09 -1.93
N GLN A 49 -29.76 11.12 -2.82
CA GLN A 49 -30.40 9.80 -2.70
C GLN A 49 -29.63 8.82 -1.81
N LEU A 50 -28.45 9.24 -1.36
CA LEU A 50 -27.54 8.35 -0.64
C LEU A 50 -27.49 8.68 0.85
N GLY A 51 -27.22 7.67 1.66
CA GLY A 51 -26.93 7.86 3.08
C GLY A 51 -25.44 8.08 3.28
N LYS A 52 -25.03 9.34 3.38
CA LYS A 52 -23.63 9.68 3.61
C LYS A 52 -23.16 9.19 4.97
N TYR A 53 -22.02 8.50 4.97
CA TYR A 53 -21.36 8.08 6.20
C TYR A 53 -19.85 8.30 6.10
N THR A 54 -19.23 8.64 7.22
CA THR A 54 -17.81 9.00 7.27
C THR A 54 -17.00 7.96 8.06
N THR A 55 -15.68 8.12 8.06
CA THR A 55 -14.79 7.33 8.90
C THR A 55 -13.60 8.15 9.37
N ASN A 56 -13.03 7.78 10.51
CA ASN A 56 -11.80 8.41 11.03
C ASN A 56 -10.52 7.72 10.53
N ASN A 57 -10.70 6.61 9.82
CA ASN A 57 -9.61 5.83 9.24
C ASN A 57 -8.72 6.66 8.30
N SER A 58 -7.43 6.75 8.66
CA SER A 58 -6.37 7.36 7.83
C SER A 58 -6.60 8.82 7.45
N SER A 59 -7.15 9.57 8.40
CA SER A 59 -7.38 11.00 8.21
C SER A 59 -6.24 11.88 8.74
N GLU A 60 -5.34 11.31 9.54
CA GLU A 60 -4.31 12.14 10.23
C GLU A 60 -3.27 12.77 9.29
N GLN A 61 -2.78 12.01 8.33
CA GLN A 61 -1.78 12.53 7.39
C GLN A 61 -1.83 11.79 6.07
N ARG A 62 -1.23 12.39 5.05
CA ARG A 62 -1.06 11.73 3.78
C ARG A 62 0.01 10.64 3.90
N VAL A 63 -0.33 9.46 3.37
CA VAL A 63 0.62 8.36 3.25
C VAL A 63 0.49 7.84 1.83
N SER A 64 1.44 7.01 1.44
CA SER A 64 1.46 6.43 0.12
C SER A 64 0.20 5.62 -0.24
N LEU A 65 -0.30 4.86 0.74
CA LEU A 65 -1.51 4.05 0.59
C LEU A 65 -1.99 3.58 1.97
N ASP A 66 -3.31 3.63 2.21
CA ASP A 66 -3.89 2.88 3.31
C ASP A 66 -4.58 1.65 2.73
N ILE A 67 -4.30 0.49 3.31
CA ILE A 67 -4.75 -0.77 2.72
C ILE A 67 -6.26 -1.00 2.84
N ASP A 68 -6.85 -0.56 3.95
CA ASP A 68 -8.29 -0.62 4.15
C ASP A 68 -9.05 0.30 3.21
N LEU A 69 -8.60 1.56 3.09
CA LEU A 69 -9.21 2.51 2.13
C LEU A 69 -9.01 2.10 0.68
N TRP A 70 -7.83 1.58 0.35
CA TRP A 70 -7.55 1.05 -0.99
C TRP A 70 -8.41 -0.16 -1.33
N ASP A 71 -8.61 -1.04 -0.36
CA ASP A 71 -9.53 -2.16 -0.54
C ASP A 71 -10.96 -1.67 -0.90
N LYS A 72 -11.50 -0.74 -0.12
CA LYS A 72 -12.84 -0.18 -0.37
C LYS A 72 -12.88 0.57 -1.70
N PHE A 73 -11.88 1.41 -1.94
CA PHE A 73 -11.78 2.22 -3.15
C PHE A 73 -11.72 1.36 -4.42
N SER A 74 -10.92 0.28 -4.38
CA SER A 74 -10.85 -0.70 -5.48
C SER A 74 -12.19 -1.35 -5.73
N GLU A 75 -12.85 -1.74 -4.65
CA GLU A 75 -14.16 -2.39 -4.74
C GLU A 75 -15.19 -1.46 -5.37
N LEU A 76 -15.27 -0.23 -4.85
CA LEU A 76 -16.20 0.75 -5.36
C LEU A 76 -15.90 1.19 -6.79
N SER A 77 -14.62 1.34 -7.14
CA SER A 77 -14.19 1.70 -8.49
C SER A 77 -14.56 0.64 -9.53
N THR A 78 -14.32 -0.63 -9.17
CA THR A 78 -14.70 -1.78 -10.00
C THR A 78 -16.22 -1.77 -10.27
N LYS A 79 -16.99 -1.61 -9.20
CA LYS A 79 -18.46 -1.53 -9.32
C LYS A 79 -18.89 -0.39 -10.24
N CYS A 80 -18.18 0.74 -10.17
CA CYS A 80 -18.53 1.90 -10.97
C CYS A 80 -18.16 1.71 -12.44
N ILE A 81 -17.05 1.01 -12.69
CA ILE A 81 -16.73 0.59 -14.05
C ILE A 81 -17.85 -0.24 -14.66
N ILE A 82 -18.37 -1.22 -13.91
CA ILE A 82 -19.49 -2.06 -14.36
C ILE A 82 -20.75 -1.23 -14.60
N LYS A 83 -21.02 -0.27 -13.71
CA LYS A 83 -22.15 0.65 -13.86
C LYS A 83 -22.04 1.57 -15.08
N THR A 84 -20.80 1.92 -15.44
CA THR A 84 -20.51 2.75 -16.60
C THR A 84 -20.67 1.94 -17.90
N VAL A 85 -20.27 0.68 -17.88
CA VAL A 85 -20.59 -0.26 -18.96
C VAL A 85 -22.13 -0.33 -19.16
N GLU A 86 -22.85 -0.50 -18.06
CA GLU A 86 -24.33 -0.54 -18.06
C GLU A 86 -24.91 0.76 -18.66
N PHE A 87 -24.37 1.90 -18.21
CA PHE A 87 -24.72 3.22 -18.75
C PHE A 87 -24.58 3.26 -20.28
N ALA A 88 -23.44 2.78 -20.77
CA ALA A 88 -23.14 2.76 -22.20
C ALA A 88 -24.14 1.94 -23.01
N LYS A 89 -24.54 0.81 -22.46
CA LYS A 89 -25.49 -0.11 -23.11
C LYS A 89 -26.89 0.50 -23.26
N GLN A 90 -27.20 1.45 -22.36
CA GLN A 90 -28.45 2.19 -22.38
C GLN A 90 -28.47 3.37 -23.37
N LEU A 91 -27.31 3.70 -23.93
CA LEU A 91 -27.21 4.78 -24.91
C LEU A 91 -27.65 4.27 -26.27
N PRO A 92 -28.56 5.00 -26.93
CA PRO A 92 -29.13 4.59 -28.22
C PRO A 92 -28.06 4.29 -29.26
N GLY A 93 -28.11 3.09 -29.83
CA GLY A 93 -27.15 2.68 -30.87
C GLY A 93 -25.85 2.04 -30.40
N PHE A 94 -25.50 2.21 -29.12
CA PHE A 94 -24.22 1.69 -28.62
C PHE A 94 -24.08 0.18 -28.83
N THR A 95 -25.11 -0.59 -28.49
CA THR A 95 -25.01 -2.05 -28.63
C THR A 95 -25.12 -2.54 -30.09
N THR A 96 -25.34 -1.63 -31.03
CA THR A 96 -25.37 -1.99 -32.46
C THR A 96 -23.97 -1.98 -33.06
N LEU A 97 -23.03 -1.35 -32.36
CA LEU A 97 -21.62 -1.38 -32.72
C LEU A 97 -21.08 -2.78 -32.48
N THR A 98 -19.96 -3.11 -33.12
CA THR A 98 -19.34 -4.42 -32.86
C THR A 98 -18.91 -4.49 -31.39
N ILE A 99 -18.82 -5.70 -30.85
CA ILE A 99 -18.34 -5.87 -29.47
C ILE A 99 -16.92 -5.30 -29.35
N ALA A 100 -16.08 -5.54 -30.36
CA ALA A 100 -14.75 -4.93 -30.44
C ALA A 100 -14.78 -3.39 -30.26
N ASP A 101 -15.64 -2.70 -31.01
CA ASP A 101 -15.76 -1.24 -30.91
C ASP A 101 -16.34 -0.76 -29.58
N GLN A 102 -17.28 -1.54 -29.04
CA GLN A 102 -17.85 -1.24 -27.73
C GLN A 102 -16.76 -1.27 -26.66
N ILE A 103 -15.97 -2.35 -26.63
CA ILE A 103 -14.87 -2.48 -25.68
C ILE A 103 -13.79 -1.40 -25.88
N THR A 104 -13.46 -1.11 -27.14
CA THR A 104 -12.48 -0.08 -27.51
C THR A 104 -12.87 1.30 -26.98
N LEU A 105 -14.12 1.71 -27.23
CA LEU A 105 -14.65 2.94 -26.66
C LEU A 105 -14.65 2.98 -25.12
N LEU A 106 -15.12 1.89 -24.50
CA LEU A 106 -15.16 1.81 -23.04
C LEU A 106 -13.76 1.82 -22.40
N LYS A 107 -12.80 1.11 -23.01
CA LYS A 107 -11.39 1.17 -22.54
C LYS A 107 -10.85 2.61 -22.53
N ALA A 108 -11.13 3.33 -23.63
CA ALA A 108 -10.60 4.68 -23.85
C ALA A 108 -11.22 5.73 -22.92
N ALA A 109 -12.49 5.55 -22.53
CA ALA A 109 -13.21 6.59 -21.82
C ALA A 109 -13.60 6.29 -20.37
N CYS A 110 -13.46 5.03 -19.95
CA CYS A 110 -13.96 4.64 -18.62
C CYS A 110 -13.39 5.45 -17.44
N LEU A 111 -12.07 5.61 -17.41
CA LEU A 111 -11.43 6.38 -16.34
C LEU A 111 -11.86 7.83 -16.36
N ASP A 112 -11.94 8.42 -17.56
CA ASP A 112 -12.46 9.78 -17.73
C ASP A 112 -13.86 9.92 -17.11
N ILE A 113 -14.74 8.94 -17.36
CA ILE A 113 -16.09 8.93 -16.79
C ILE A 113 -16.10 8.70 -15.27
N LEU A 114 -15.22 7.83 -14.78
CA LEU A 114 -15.03 7.65 -13.32
C LEU A 114 -14.64 8.96 -12.64
N ILE A 115 -13.71 9.69 -13.24
CA ILE A 115 -13.27 10.97 -12.69
C ILE A 115 -14.41 11.97 -12.67
N LEU A 116 -15.11 12.12 -13.78
CA LEU A 116 -16.27 13.02 -13.82
C LEU A 116 -17.31 12.63 -12.75
N ARG A 117 -17.62 11.33 -12.67
CA ARG A 117 -18.62 10.84 -11.72
C ARG A 117 -18.30 11.18 -10.26
N ILE A 118 -17.12 10.80 -9.78
CA ILE A 118 -16.73 11.12 -8.40
C ILE A 118 -16.67 12.63 -8.10
N CYS A 119 -16.26 13.42 -9.10
CA CYS A 119 -16.20 14.88 -8.96
C CYS A 119 -17.58 15.53 -8.90
N THR A 120 -18.60 14.87 -9.45
CA THR A 120 -19.97 15.36 -9.30
C THR A 120 -20.53 15.09 -7.89
N ARG A 121 -19.80 14.31 -7.08
CA ARG A 121 -20.20 14.04 -5.67
C ARG A 121 -19.32 14.79 -4.66
N TYR A 122 -18.72 15.88 -5.12
CA TYR A 122 -17.90 16.75 -4.30
C TYR A 122 -18.76 17.68 -3.46
N THR A 123 -18.44 17.77 -2.18
CA THR A 123 -19.11 18.72 -1.28
C THR A 123 -18.09 19.76 -0.84
N PRO A 124 -18.15 20.97 -1.42
CA PRO A 124 -17.10 21.97 -1.17
C PRO A 124 -16.94 22.39 0.30
N GLU A 125 -18.04 22.47 1.03
CA GLU A 125 -18.01 22.89 2.45
C GLU A 125 -17.20 21.95 3.35
N GLN A 126 -17.16 20.67 2.99
CA GLN A 126 -16.38 19.70 3.77
C GLN A 126 -15.18 19.20 3.02
N ASP A 127 -15.02 19.60 1.76
CA ASP A 127 -13.91 19.14 0.92
C ASP A 127 -13.91 17.59 0.85
N THR A 128 -15.09 17.02 0.62
CA THR A 128 -15.25 15.56 0.56
C THR A 128 -15.76 15.09 -0.79
N MET A 129 -15.55 13.81 -1.08
CA MET A 129 -16.23 13.15 -2.18
C MET A 129 -16.96 11.94 -1.62
N THR A 130 -18.09 11.60 -2.27
CA THR A 130 -18.98 10.53 -1.81
C THR A 130 -19.12 9.45 -2.87
N PHE A 131 -18.83 8.21 -2.48
CA PHE A 131 -19.00 7.07 -3.39
C PHE A 131 -20.45 6.59 -3.41
N SER A 132 -20.74 5.61 -4.27
CA SER A 132 -22.12 5.22 -4.56
C SER A 132 -22.81 4.44 -3.45
N ASP A 133 -22.07 4.06 -2.41
CA ASP A 133 -22.66 3.47 -1.21
C ASP A 133 -22.87 4.50 -0.09
N GLY A 134 -22.54 5.77 -0.35
CA GLY A 134 -22.59 6.80 0.68
C GLY A 134 -21.26 7.11 1.35
N LEU A 135 -20.25 6.23 1.20
CA LEU A 135 -18.95 6.47 1.85
C LEU A 135 -18.42 7.84 1.47
N THR A 136 -18.08 8.64 2.48
CA THR A 136 -17.73 10.04 2.31
C THR A 136 -16.35 10.29 2.92
N LEU A 137 -15.40 10.62 2.07
CA LEU A 137 -14.00 10.77 2.47
C LEU A 137 -13.49 12.18 2.19
N ASN A 138 -12.72 12.73 3.12
CA ASN A 138 -12.05 14.03 2.91
C ASN A 138 -10.84 13.92 1.97
N ARG A 139 -10.16 15.04 1.71
CA ARG A 139 -9.07 15.07 0.73
C ARG A 139 -7.91 14.13 1.08
N THR A 140 -7.51 14.14 2.35
CA THR A 140 -6.43 13.29 2.82
C THR A 140 -6.79 11.81 2.69
N GLN A 141 -8.03 11.47 3.05
CA GLN A 141 -8.54 10.10 2.88
C GLN A 141 -8.64 9.67 1.41
N MET A 142 -9.06 10.58 0.53
CA MET A 142 -9.08 10.30 -0.91
C MET A 142 -7.65 10.05 -1.44
N HIS A 143 -6.69 10.84 -0.94
CA HIS A 143 -5.26 10.62 -1.24
C HIS A 143 -4.86 9.20 -0.87
N ASN A 144 -5.15 8.81 0.38
CA ASN A 144 -4.75 7.52 0.93
C ASN A 144 -5.59 6.34 0.41
N ALA A 145 -6.79 6.62 -0.09
CA ALA A 145 -7.65 5.61 -0.71
C ALA A 145 -7.18 5.21 -2.10
N GLY A 146 -6.50 6.11 -2.80
CA GLY A 146 -6.01 5.81 -4.14
C GLY A 146 -5.73 6.95 -5.11
N PHE A 147 -6.17 8.17 -4.78
CA PHE A 147 -5.83 9.32 -5.64
C PHE A 147 -4.32 9.59 -5.66
N GLY A 148 -3.66 9.43 -4.52
CA GLY A 148 -2.20 9.60 -4.43
C GLY A 148 -1.74 10.94 -4.99
N PRO A 149 -0.69 10.95 -5.82
CA PRO A 149 -0.11 12.21 -6.33
C PRO A 149 -1.04 13.04 -7.23
N LEU A 150 -2.14 12.45 -7.69
CA LEU A 150 -3.13 13.16 -8.50
C LEU A 150 -4.27 13.78 -7.69
N THR A 151 -4.20 13.72 -6.36
CA THR A 151 -5.29 14.16 -5.48
C THR A 151 -5.71 15.60 -5.72
N ASP A 152 -4.74 16.52 -5.71
CA ASP A 152 -5.07 17.95 -5.85
C ASP A 152 -5.56 18.31 -7.24
N LEU A 153 -5.07 17.60 -8.26
CA LEU A 153 -5.57 17.72 -9.63
C LEU A 153 -7.04 17.35 -9.76
N VAL A 154 -7.42 16.23 -9.16
CA VAL A 154 -8.81 15.79 -9.23
C VAL A 154 -9.73 16.76 -8.48
N PHE A 155 -9.28 17.19 -7.30
CA PHE A 155 -10.04 18.14 -6.48
C PHE A 155 -10.18 19.53 -7.11
N ALA A 156 -9.12 19.98 -7.80
CA ALA A 156 -9.19 21.22 -8.60
C ALA A 156 -10.26 21.08 -9.67
N PHE A 157 -10.24 19.97 -10.40
CA PHE A 157 -11.29 19.69 -11.41
C PHE A 157 -12.70 19.71 -10.80
N ALA A 158 -12.87 19.04 -9.67
CA ALA A 158 -14.16 19.03 -8.96
C ALA A 158 -14.65 20.46 -8.65
N ASN A 159 -13.78 21.29 -8.10
CA ASN A 159 -14.07 22.69 -7.85
C ASN A 159 -14.41 23.51 -9.11
N GLN A 160 -13.73 23.22 -10.22
CA GLN A 160 -13.98 23.92 -11.49
C GLN A 160 -15.31 23.52 -12.14
N LEU A 161 -15.84 22.37 -11.74
CA LEU A 161 -17.16 21.94 -12.18
C LEU A 161 -18.29 22.75 -11.57
N LEU A 162 -18.12 23.15 -10.31
CA LEU A 162 -19.19 23.78 -9.55
C LEU A 162 -19.86 24.97 -10.25
N PRO A 163 -19.09 25.92 -10.81
CA PRO A 163 -19.72 27.07 -11.48
C PRO A 163 -20.62 26.68 -12.65
N LEU A 164 -20.36 25.51 -13.25
CA LEU A 164 -21.16 25.00 -14.37
C LEU A 164 -22.59 24.60 -13.95
N GLU A 165 -22.77 24.22 -12.69
CA GLU A 165 -24.08 23.81 -12.16
C GLU A 165 -24.76 22.74 -13.01
N MET A 166 -24.03 21.67 -13.32
CA MET A 166 -24.55 20.64 -14.21
C MET A 166 -25.64 19.77 -13.59
N ASP A 167 -26.67 19.43 -14.36
CA ASP A 167 -27.66 18.47 -13.87
C ASP A 167 -27.41 17.05 -14.42
N ASP A 168 -28.28 16.10 -14.08
CA ASP A 168 -28.12 14.71 -14.55
C ASP A 168 -28.05 14.57 -16.07
N ALA A 169 -28.90 15.30 -16.78
CA ALA A 169 -28.94 15.26 -18.25
C ALA A 169 -27.62 15.70 -18.86
N GLU A 170 -27.10 16.82 -18.38
CA GLU A 170 -25.83 17.36 -18.84
C GLU A 170 -24.61 16.47 -18.48
N THR A 171 -24.54 15.98 -17.24
CA THR A 171 -23.50 14.99 -16.85
C THR A 171 -23.56 13.75 -17.75
N GLY A 172 -24.77 13.24 -17.97
CA GLY A 172 -24.97 12.06 -18.80
C GLY A 172 -24.64 12.29 -20.26
N LEU A 173 -25.06 13.44 -20.79
CA LEU A 173 -24.73 13.76 -22.18
C LEU A 173 -23.24 13.98 -22.37
N LEU A 174 -22.61 14.62 -21.39
CA LEU A 174 -21.16 14.85 -21.43
C LEU A 174 -20.37 13.53 -21.37
N SER A 175 -20.75 12.65 -20.44
CA SER A 175 -20.22 11.29 -20.38
C SER A 175 -20.40 10.55 -21.69
N ALA A 176 -21.60 10.67 -22.28
CA ALA A 176 -21.89 10.01 -23.54
C ALA A 176 -21.03 10.52 -24.69
N ILE A 177 -20.79 11.83 -24.72
CA ILE A 177 -19.97 12.46 -25.78
C ILE A 177 -18.50 12.02 -25.65
N CYS A 178 -18.03 11.96 -24.41
CA CYS A 178 -16.68 11.50 -24.11
C CYS A 178 -16.51 10.05 -24.60
N LEU A 179 -17.46 9.19 -24.22
CA LEU A 179 -17.42 7.78 -24.62
C LEU A 179 -17.55 7.53 -26.15
N ILE A 180 -18.58 8.11 -26.75
CA ILE A 180 -18.87 7.79 -28.14
C ILE A 180 -18.08 8.74 -29.05
N CYS A 181 -16.82 8.38 -29.28
CA CYS A 181 -15.84 9.22 -29.95
C CYS A 181 -15.24 8.45 -31.14
N GLY A 182 -15.50 8.94 -32.34
CA GLY A 182 -15.08 8.25 -33.57
C GLY A 182 -13.61 8.33 -33.91
N ASP A 183 -12.84 9.06 -33.10
CA ASP A 183 -11.41 9.26 -33.31
C ASP A 183 -10.52 8.38 -32.41
N ARG A 184 -11.13 7.48 -31.64
CA ARG A 184 -10.36 6.50 -30.84
C ARG A 184 -9.58 5.60 -31.77
N GLN A 185 -8.31 5.35 -31.48
CA GLN A 185 -7.54 4.44 -32.32
C GLN A 185 -8.06 3.02 -32.19
N ASP A 186 -7.95 2.26 -33.28
CA ASP A 186 -8.33 0.83 -33.35
C ASP A 186 -9.83 0.55 -33.55
N LEU A 187 -10.63 1.57 -33.85
CA LEU A 187 -12.04 1.34 -34.16
C LEU A 187 -12.23 0.66 -35.52
N GLU A 188 -13.14 -0.31 -35.56
CA GLU A 188 -13.46 -1.00 -36.81
C GLU A 188 -14.40 -0.16 -37.66
N GLN A 189 -15.37 0.49 -37.01
CA GLN A 189 -16.37 1.29 -37.73
C GLN A 189 -16.45 2.72 -37.18
N PRO A 190 -15.38 3.53 -37.34
CA PRO A 190 -15.32 4.90 -36.81
C PRO A 190 -16.43 5.82 -37.35
N ASP A 191 -16.82 5.63 -38.62
CA ASP A 191 -17.93 6.38 -39.23
CA ASP A 191 -17.92 6.41 -39.22
C ASP A 191 -19.24 6.20 -38.47
N ARG A 192 -19.56 4.94 -38.13
CA ARG A 192 -20.76 4.61 -37.37
C ARG A 192 -20.75 5.26 -35.98
N VAL A 193 -19.57 5.30 -35.37
CA VAL A 193 -19.38 5.95 -34.07
C VAL A 193 -19.62 7.47 -34.19
N ASP A 194 -19.02 8.07 -35.22
CA ASP A 194 -19.25 9.51 -35.52
C ASP A 194 -20.73 9.81 -35.71
N MET A 195 -21.43 8.92 -36.41
CA MET A 195 -22.88 9.00 -36.60
C MET A 195 -23.65 9.02 -35.28
N LEU A 196 -23.20 8.22 -34.31
CA LEU A 196 -23.86 8.17 -33.00
C LEU A 196 -23.55 9.40 -32.15
N GLN A 197 -22.37 9.99 -32.34
CA GLN A 197 -21.99 11.16 -31.56
C GLN A 197 -22.77 12.40 -31.96
N GLU A 198 -23.00 12.57 -33.26
CA GLU A 198 -23.70 13.74 -33.82
C GLU A 198 -24.96 14.19 -33.04
N PRO A 199 -25.95 13.28 -32.83
CA PRO A 199 -27.16 13.67 -32.09
C PRO A 199 -26.92 14.04 -30.63
N LEU A 200 -25.91 13.43 -30.01
CA LEU A 200 -25.56 13.73 -28.60
C LEU A 200 -25.05 15.15 -28.45
N LEU A 201 -24.27 15.61 -29.44
CA LEU A 201 -23.76 17.00 -29.47
C LEU A 201 -24.86 18.03 -29.63
N GLU A 202 -25.80 17.74 -30.54
CA GLU A 202 -26.96 18.60 -30.78
C GLU A 202 -27.83 18.62 -29.53
N ALA A 203 -28.02 17.44 -28.94
CA ALA A 203 -28.81 17.27 -27.73
C ALA A 203 -28.28 18.16 -26.62
N LEU A 204 -26.98 18.06 -26.32
CA LEU A 204 -26.38 18.89 -25.29
C LEU A 204 -26.46 20.38 -25.63
N LYS A 205 -26.10 20.73 -26.86
CA LYS A 205 -26.15 22.12 -27.31
C LYS A 205 -27.53 22.76 -27.08
N VAL A 206 -28.58 22.07 -27.51
CA VAL A 206 -29.95 22.57 -27.40
C VAL A 206 -30.36 22.65 -25.93
N TYR A 207 -30.07 21.59 -25.18
CA TYR A 207 -30.45 21.49 -23.78
C TYR A 207 -29.82 22.60 -22.92
N VAL A 208 -28.53 22.82 -23.10
CA VAL A 208 -27.80 23.84 -22.35
C VAL A 208 -28.34 25.24 -22.69
N ARG A 209 -28.60 25.46 -23.97
CA ARG A 209 -29.14 26.72 -24.47
C ARG A 209 -30.52 26.97 -23.85
N LYS A 210 -31.40 25.97 -23.89
CA LYS A 210 -32.75 26.10 -23.33
C LYS A 210 -32.74 26.21 -21.80
N ARG A 211 -31.79 25.53 -21.16
CA ARG A 211 -31.69 25.56 -19.69
C ARG A 211 -31.21 26.89 -19.12
N ARG A 212 -30.22 27.50 -19.77
CA ARG A 212 -29.74 28.82 -19.37
C ARG A 212 -29.41 29.67 -20.59
N PRO A 213 -30.44 30.34 -21.16
CA PRO A 213 -30.28 31.17 -22.36
C PRO A 213 -29.38 32.41 -22.14
N SER A 214 -29.21 32.81 -20.89
CA SER A 214 -28.41 33.97 -20.53
C SER A 214 -26.90 33.74 -20.61
N ARG A 215 -26.48 32.47 -20.71
CA ARG A 215 -25.07 32.08 -20.64
C ARG A 215 -24.60 31.26 -21.86
N PRO A 216 -24.37 31.94 -23.02
CA PRO A 216 -24.12 31.27 -24.31
C PRO A 216 -22.80 30.50 -24.48
N HIS A 217 -21.81 30.72 -23.61
CA HIS A 217 -20.56 29.96 -23.74
C HIS A 217 -20.54 28.70 -22.91
N MET A 218 -21.65 28.40 -22.23
CA MET A 218 -21.72 27.25 -21.34
C MET A 218 -21.54 25.92 -22.05
N PHE A 219 -22.07 25.81 -23.27
CA PHE A 219 -21.91 24.61 -24.11
C PHE A 219 -20.42 24.27 -24.39
N PRO A 220 -19.68 25.19 -25.04
CA PRO A 220 -18.24 24.94 -25.24
C PRO A 220 -17.42 24.78 -23.95
N LYS A 221 -17.79 25.51 -22.89
CA LYS A 221 -17.13 25.35 -21.58
C LYS A 221 -17.32 23.95 -20.99
N MET A 222 -18.50 23.38 -21.19
CA MET A 222 -18.78 22.01 -20.76
C MET A 222 -17.99 21.01 -21.57
N LEU A 223 -18.00 21.17 -22.88
CA LEU A 223 -17.23 20.32 -23.78
C LEU A 223 -15.74 20.27 -23.47
N MET A 224 -15.19 21.43 -23.14
CA MET A 224 -13.76 21.55 -22.90
C MET A 224 -13.33 20.88 -21.59
N LYS A 225 -14.29 20.56 -20.72
CA LYS A 225 -14.00 19.79 -19.50
C LYS A 225 -13.52 18.37 -19.82
N ILE A 226 -13.95 17.82 -20.96
CA ILE A 226 -13.44 16.53 -21.44
C ILE A 226 -11.90 16.55 -21.61
N THR A 227 -11.35 17.70 -22.03
CA THR A 227 -9.89 17.88 -22.13
C THR A 227 -9.20 17.78 -20.77
N ASP A 228 -9.79 18.45 -19.77
CA ASP A 228 -9.32 18.37 -18.38
C ASP A 228 -9.39 16.95 -17.83
N LEU A 229 -10.48 16.24 -18.12
CA LEU A 229 -10.60 14.83 -17.74
C LEU A 229 -9.45 14.00 -18.33
N ARG A 230 -9.17 14.24 -19.60
CA ARG A 230 -8.11 13.57 -20.33
C ARG A 230 -6.71 13.84 -19.76
N SER A 231 -6.45 15.04 -19.26
CA SER A 231 -5.16 15.35 -18.65
C SER A 231 -4.90 14.47 -17.43
N ILE A 232 -5.95 14.23 -16.66
CA ILE A 232 -5.89 13.42 -15.44
C ILE A 232 -5.85 11.91 -15.76
N SER A 233 -6.78 11.47 -16.61
CA SER A 233 -6.86 10.04 -16.98
C SER A 233 -5.61 9.54 -17.70
N ALA A 234 -4.98 10.39 -18.51
CA ALA A 234 -3.75 10.02 -19.21
C ALA A 234 -2.63 9.70 -18.23
N LYS A 235 -2.53 10.48 -17.15
CA LYS A 235 -1.57 10.24 -16.08
C LYS A 235 -1.94 9.02 -15.24
N GLY A 236 -3.22 8.92 -14.88
CA GLY A 236 -3.75 7.82 -14.07
C GLY A 236 -3.63 6.43 -14.69
N ALA A 237 -3.91 6.33 -15.99
CA ALA A 237 -3.94 5.05 -16.71
C ALA A 237 -2.59 4.31 -16.71
N GLU A 238 -1.51 5.06 -16.67
CA GLU A 238 -0.18 4.47 -16.73
C GLU A 238 0.41 4.13 -15.35
N ARG A 239 -0.29 4.50 -14.27
CA ARG A 239 0.13 4.14 -12.92
C ARG A 239 0.09 2.62 -12.66
N VAL A 240 1.19 2.10 -12.11
CA VAL A 240 1.26 0.69 -11.72
C VAL A 240 0.57 0.56 -10.35
N ILE A 241 -0.52 -0.19 -10.30
CA ILE A 241 -1.27 -0.39 -9.07
C ILE A 241 -1.01 -1.79 -8.47
N THR A 242 -1.34 -1.95 -7.19
CA THR A 242 -1.20 -3.21 -6.49
C THR A 242 -2.57 -3.80 -6.16
N LEU A 243 -2.70 -5.10 -6.42
CA LEU A 243 -3.94 -5.84 -6.21
C LEU A 243 -3.63 -7.20 -5.60
N LYS A 244 -4.65 -7.83 -5.00
CA LYS A 244 -4.53 -9.19 -4.49
C LYS A 244 -4.44 -10.23 -5.61
N MET A 245 -3.64 -11.25 -5.38
CA MET A 245 -3.51 -12.38 -6.31
C MET A 245 -4.63 -13.41 -6.10
N GLU A 246 -5.61 -13.39 -7.00
CA GLU A 246 -6.70 -14.39 -7.01
C GLU A 246 -6.67 -15.25 -8.25
N ARG B 1 0.13 -8.27 -6.37
CA ARG B 1 0.47 -8.36 -7.81
C ARG B 1 0.42 -6.95 -8.39
N LEU B 2 1.24 -6.71 -9.41
CA LEU B 2 1.32 -5.40 -10.04
C LEU B 2 0.72 -5.41 -11.44
N ILE B 3 0.00 -4.33 -11.77
CA ILE B 3 -0.64 -4.17 -13.07
C ILE B 3 -0.84 -2.69 -13.33
N THR B 4 -0.72 -2.25 -14.58
CA THR B 4 -1.03 -0.85 -14.88
C THR B 4 -2.55 -0.67 -14.73
N LEU B 5 -2.96 0.53 -14.38
CA LEU B 5 -4.37 0.78 -14.19
C LEU B 5 -5.13 0.55 -15.49
N ALA B 6 -4.54 1.00 -16.60
CA ALA B 6 -5.13 0.80 -17.94
C ALA B 6 -5.42 -0.69 -18.23
N ASP B 7 -4.44 -1.56 -17.95
CA ASP B 7 -4.60 -3.01 -18.16
C ASP B 7 -5.65 -3.63 -17.24
N HIS B 8 -5.69 -3.18 -15.99
CA HIS B 8 -6.74 -3.60 -15.08
C HIS B 8 -8.17 -3.22 -15.56
N ILE B 9 -8.36 -1.94 -15.92
CA ILE B 9 -9.64 -1.47 -16.47
C ILE B 9 -10.03 -2.29 -17.70
N CSO B 10 -9.07 -2.55 -18.58
CA CSO B 10 -9.31 -3.30 -19.80
CB CSO B 10 -8.02 -3.42 -20.63
SG CSO B 10 -8.28 -4.59 -21.99
C CSO B 10 -9.81 -4.71 -19.42
O CSO B 10 -10.74 -5.22 -20.03
OD CSO B 10 -7.35 -6.11 -21.78
N GLN B 11 -9.20 -5.31 -18.41
CA GLN B 11 -9.58 -6.64 -17.94
C GLN B 11 -11.01 -6.71 -17.41
N ILE B 12 -11.39 -5.73 -16.58
CA ILE B 12 -12.73 -5.64 -16.01
C ILE B 12 -13.78 -5.54 -17.11
N ILE B 13 -13.53 -4.67 -18.09
CA ILE B 13 -14.46 -4.45 -19.19
C ILE B 13 -14.60 -5.70 -20.08
N THR B 14 -13.45 -6.26 -20.48
CA THR B 14 -13.41 -7.44 -21.33
C THR B 14 -14.15 -8.63 -20.70
N GLN B 15 -13.93 -8.84 -19.40
CA GLN B 15 -14.60 -9.92 -18.67
C GLN B 15 -16.12 -9.70 -18.60
N ASP B 16 -16.54 -8.44 -18.52
CA ASP B 16 -17.95 -8.12 -18.41
C ASP B 16 -18.73 -8.45 -19.69
N PHE B 17 -18.07 -8.33 -20.84
CA PHE B 17 -18.66 -8.64 -22.15
C PHE B 17 -18.55 -10.12 -22.52
N ALA B 18 -17.82 -10.90 -21.72
CA ALA B 18 -17.59 -12.32 -21.99
C ALA B 18 -18.90 -13.12 -21.96
N ARG B 19 -19.05 -14.05 -22.91
CA ARG B 19 -20.26 -14.87 -23.00
C ARG B 19 -20.07 -16.21 -22.30
N THR C 26 35.71 -20.10 33.17
CA THR C 26 35.35 -20.61 31.81
C THR C 26 34.11 -21.54 31.77
N PRO C 27 33.93 -22.40 32.80
CA PRO C 27 32.72 -23.25 32.79
C PRO C 27 31.43 -22.42 32.89
N GLU C 28 31.46 -21.34 33.66
CA GLU C 28 30.31 -20.45 33.83
C GLU C 28 30.06 -19.69 32.53
N VAL C 29 31.14 -19.44 31.80
CA VAL C 29 31.12 -18.78 30.50
C VAL C 29 30.62 -19.75 29.42
N GLY C 30 31.14 -20.98 29.45
CA GLY C 30 30.67 -22.05 28.57
C GLY C 30 29.17 -22.29 28.69
N GLU C 31 28.67 -22.30 29.93
CA GLU C 31 27.24 -22.47 30.22
C GLU C 31 26.40 -21.35 29.61
N LEU C 32 26.89 -20.12 29.74
CA LEU C 32 26.19 -18.93 29.23
C LEU C 32 26.14 -18.91 27.70
N ILE C 33 27.25 -19.22 27.05
CA ILE C 33 27.31 -19.28 25.59
C ILE C 33 26.33 -20.33 25.07
N GLU C 34 26.32 -21.49 25.71
CA GLU C 34 25.44 -22.60 25.37
CA GLU C 34 25.43 -22.58 25.31
C GLU C 34 23.96 -22.19 25.49
N LYS C 35 23.63 -21.53 26.61
CA LYS C 35 22.26 -21.07 26.87
C LYS C 35 21.82 -20.03 25.82
N VAL C 36 22.73 -19.14 25.45
CA VAL C 36 22.40 -18.06 24.51
C VAL C 36 22.32 -18.58 23.07
N ARG C 37 23.25 -19.46 22.69
CA ARG C 37 23.18 -20.15 21.39
C ARG C 37 21.85 -20.87 21.23
N LYS C 38 21.47 -21.63 22.25
CA LYS C 38 20.24 -22.41 22.23
C LYS C 38 19.01 -21.52 22.15
N ALA C 39 19.00 -20.46 22.95
CA ALA C 39 17.92 -19.47 22.93
C ALA C 39 17.68 -18.93 21.50
N HIS C 40 18.78 -18.57 20.83
CA HIS C 40 18.70 -18.07 19.45
C HIS C 40 18.20 -19.15 18.50
N GLN C 41 18.79 -20.33 18.58
CA GLN C 41 18.49 -21.43 17.68
C GLN C 41 17.03 -21.87 17.76
N GLU C 42 16.51 -21.96 18.98
CA GLU C 42 15.13 -22.40 19.18
CA GLU C 42 15.12 -22.41 19.18
C GLU C 42 14.09 -21.34 18.80
N THR C 43 14.54 -20.10 18.56
CA THR C 43 13.62 -19.03 18.17
C THR C 43 13.87 -18.48 16.77
N PHE C 44 14.82 -19.10 16.06
CA PHE C 44 15.22 -18.62 14.76
C PHE C 44 15.85 -19.73 13.93
N PRO C 45 15.08 -20.33 13.02
CA PRO C 45 15.64 -21.39 12.19
C PRO C 45 16.84 -20.94 11.35
N ALA C 46 17.80 -21.83 11.19
CA ALA C 46 18.91 -21.65 10.28
C ALA C 46 18.39 -21.74 8.84
N LEU C 47 18.99 -20.96 7.95
CA LEU C 47 18.64 -21.01 6.53
C LEU C 47 18.63 -22.45 5.96
N CYS C 48 19.61 -23.26 6.34
CA CYS C 48 19.70 -24.66 5.90
C CYS C 48 18.56 -25.55 6.41
N GLN C 49 17.92 -25.13 7.50
CA GLN C 49 16.80 -25.90 8.08
C GLN C 49 15.44 -25.63 7.43
N LEU C 50 15.41 -24.66 6.53
CA LEU C 50 14.17 -24.19 5.93
C LEU C 50 13.99 -24.71 4.52
N GLY C 51 12.74 -24.88 4.10
CA GLY C 51 12.45 -25.14 2.70
C GLY C 51 12.23 -23.81 1.98
N LYS C 52 13.26 -23.33 1.28
CA LYS C 52 13.20 -22.08 0.52
C LYS C 52 12.22 -22.19 -0.63
N TYR C 53 11.30 -21.24 -0.71
CA TYR C 53 10.40 -21.12 -1.85
C TYR C 53 10.30 -19.65 -2.29
N THR C 54 10.14 -19.44 -3.59
CA THR C 54 10.12 -18.09 -4.17
C THR C 54 8.74 -17.76 -4.75
N THR C 55 8.60 -16.55 -5.28
CA THR C 55 7.38 -16.12 -5.95
C THR C 55 7.71 -15.09 -7.03
N ASN C 56 6.88 -15.02 -8.07
CA ASN C 56 7.04 -14.03 -9.15
CA ASN C 56 7.05 -14.02 -9.14
C ASN C 56 6.28 -12.72 -8.86
N ASN C 57 5.55 -12.69 -7.75
CA ASN C 57 4.71 -11.57 -7.35
C ASN C 57 5.51 -10.31 -7.08
N SER C 58 5.18 -9.25 -7.81
CA SER C 58 5.74 -7.90 -7.62
C SER C 58 7.26 -7.84 -7.75
N SER C 59 7.78 -8.61 -8.69
CA SER C 59 9.21 -8.66 -8.98
C SER C 59 9.61 -7.71 -10.10
N GLU C 60 8.64 -7.23 -10.88
CA GLU C 60 8.92 -6.45 -12.11
C GLU C 60 9.60 -5.10 -11.84
N GLN C 61 9.08 -4.34 -10.88
CA GLN C 61 9.61 -3.02 -10.56
C GLN C 61 9.31 -2.64 -9.11
N ARG C 62 10.02 -1.63 -8.63
CA ARG C 62 9.75 -1.06 -7.33
C ARG C 62 8.46 -0.22 -7.38
N VAL C 63 7.66 -0.39 -6.34
CA VAL C 63 6.44 0.38 -6.13
C VAL C 63 6.45 0.71 -4.65
N SER C 64 5.62 1.65 -4.24
CA SER C 64 5.56 2.06 -2.85
CA SER C 64 5.52 2.07 -2.85
C SER C 64 5.19 0.91 -1.92
N LEU C 65 4.24 0.06 -2.34
CA LEU C 65 3.80 -1.10 -1.57
C LEU C 65 3.09 -2.11 -2.47
N ASP C 66 3.39 -3.40 -2.28
CA ASP C 66 2.49 -4.45 -2.76
C ASP C 66 1.67 -5.02 -1.62
N ILE C 67 0.35 -5.07 -1.80
CA ILE C 67 -0.54 -5.44 -0.69
C ILE C 67 -0.42 -6.92 -0.28
N ASP C 68 -0.20 -7.80 -1.25
CA ASP C 68 0.04 -9.22 -0.99
C ASP C 68 1.34 -9.43 -0.22
N LEU C 69 2.43 -8.83 -0.71
CA LEU C 69 3.73 -8.96 -0.02
C LEU C 69 3.76 -8.32 1.37
N TRP C 70 3.12 -7.16 1.50
CA TRP C 70 3.02 -6.46 2.79
C TRP C 70 2.19 -7.24 3.81
N ASP C 71 1.09 -7.85 3.36
CA ASP C 71 0.33 -8.74 4.21
C ASP C 71 1.20 -9.89 4.79
N LYS C 72 1.97 -10.55 3.93
CA LYS C 72 2.87 -11.64 4.32
C LYS C 72 4.00 -11.13 5.22
N PHE C 73 4.60 -10.01 4.83
CA PHE C 73 5.70 -9.38 5.58
C PHE C 73 5.26 -8.97 6.98
N SER C 74 4.09 -8.36 7.07
CA SER C 74 3.47 -7.97 8.35
C SER C 74 3.28 -9.19 9.24
N GLU C 75 2.68 -10.24 8.66
CA GLU C 75 2.43 -11.48 9.38
C GLU C 75 3.73 -12.10 9.90
N LEU C 76 4.71 -12.25 9.03
CA LEU C 76 5.99 -12.82 9.38
C LEU C 76 6.76 -12.00 10.42
N SER C 77 6.76 -10.66 10.27
CA SER C 77 7.42 -9.75 11.23
C SER C 77 6.80 -9.83 12.62
N THR C 78 5.46 -9.86 12.66
CA THR C 78 4.74 -10.02 13.93
C THR C 78 5.19 -11.30 14.64
N LYS C 79 5.23 -12.41 13.90
CA LYS C 79 5.69 -13.69 14.44
C LYS C 79 7.13 -13.61 14.94
N CYS C 80 7.99 -12.89 14.22
CA CYS C 80 9.38 -12.77 14.63
C CYS C 80 9.54 -11.91 15.86
N ILE C 81 8.68 -10.89 16.00
CA ILE C 81 8.63 -10.13 17.25
C ILE C 81 8.32 -11.03 18.43
N ILE C 82 7.31 -11.89 18.30
CA ILE C 82 6.95 -12.84 19.36
C ILE C 82 8.09 -13.83 19.64
N LYS C 83 8.75 -14.32 18.59
CA LYS C 83 9.89 -15.22 18.74
C LYS C 83 11.10 -14.54 19.42
N THR C 84 11.27 -13.25 19.16
CA THR C 84 12.31 -12.43 19.82
C THR C 84 11.98 -12.21 21.31
N VAL C 85 10.70 -11.97 21.62
CA VAL C 85 10.25 -11.97 23.01
C VAL C 85 10.61 -13.31 23.69
N GLU C 86 10.27 -14.41 23.03
CA GLU C 86 10.56 -15.76 23.53
C GLU C 86 12.06 -15.97 23.76
N PHE C 87 12.87 -15.48 22.81
CA PHE C 87 14.32 -15.48 22.89
C PHE C 87 14.82 -14.75 24.14
N ALA C 88 14.27 -13.56 24.39
CA ALA C 88 14.62 -12.79 25.61
C ALA C 88 14.35 -13.56 26.90
N LYS C 89 13.21 -14.24 26.96
CA LYS C 89 12.77 -14.97 28.17
C LYS C 89 13.73 -16.11 28.50
N GLN C 90 14.42 -16.62 27.47
CA GLN C 90 15.39 -17.70 27.61
C GLN C 90 16.80 -17.23 28.02
N LEU C 91 17.02 -15.92 28.00
CA LEU C 91 18.29 -15.37 28.46
C LEU C 91 18.35 -15.33 29.98
N PRO C 92 19.42 -15.91 30.58
CA PRO C 92 19.59 -15.95 32.04
C PRO C 92 19.37 -14.60 32.71
N GLY C 93 18.46 -14.56 33.69
CA GLY C 93 18.18 -13.34 34.44
C GLY C 93 17.13 -12.41 33.87
N PHE C 94 16.86 -12.51 32.57
CA PHE C 94 15.92 -11.58 31.93
C PHE C 94 14.58 -11.50 32.66
N THR C 95 13.95 -12.64 32.94
CA THR C 95 12.64 -12.65 33.58
C THR C 95 12.66 -12.26 35.08
N THR C 96 13.86 -12.02 35.64
CA THR C 96 13.99 -11.53 37.02
C THR C 96 13.88 -10.01 37.07
N LEU C 97 14.02 -9.36 35.92
CA LEU C 97 13.76 -7.93 35.80
C LEU C 97 12.25 -7.70 35.95
N THR C 98 11.86 -6.48 36.28
CA THR C 98 10.42 -6.18 36.38
C THR C 98 9.81 -6.33 34.99
N ILE C 99 8.49 -6.58 34.92
CA ILE C 99 7.83 -6.64 33.61
C ILE C 99 8.01 -5.32 32.87
N ALA C 100 7.89 -4.20 33.58
CA ALA C 100 8.11 -2.87 32.99
C ALA C 100 9.47 -2.79 32.28
N ASP C 101 10.54 -3.20 32.98
CA ASP C 101 11.89 -3.19 32.41
C ASP C 101 12.07 -4.14 31.22
N GLN C 102 11.43 -5.31 31.31
CA GLN C 102 11.42 -6.27 30.21
C GLN C 102 10.76 -5.68 28.96
N ILE C 103 9.61 -5.04 29.12
CA ILE C 103 8.93 -4.39 28.00
C ILE C 103 9.78 -3.22 27.46
N THR C 104 10.34 -2.44 28.36
CA THR C 104 11.20 -1.30 27.99
C THR C 104 12.40 -1.74 27.16
N LEU C 105 13.10 -2.78 27.61
CA LEU C 105 14.22 -3.34 26.83
C LEU C 105 13.79 -3.89 25.47
N LEU C 106 12.72 -4.68 25.45
CA LEU C 106 12.20 -5.23 24.20
C LEU C 106 11.67 -4.15 23.22
N LYS C 107 10.97 -3.13 23.74
CA LYS C 107 10.54 -2.03 22.86
C LYS C 107 11.73 -1.37 22.15
N ALA C 108 12.82 -1.18 22.90
CA ALA C 108 14.01 -0.47 22.41
C ALA C 108 14.85 -1.25 21.40
N ALA C 109 14.88 -2.58 21.52
CA ALA C 109 15.82 -3.40 20.74
C ALA C 109 15.18 -4.32 19.70
N CYS C 110 13.87 -4.54 19.80
CA CYS C 110 13.21 -5.52 18.93
C CYS C 110 13.44 -5.32 17.42
N LEU C 111 13.31 -4.09 16.94
CA LEU C 111 13.51 -3.80 15.53
C LEU C 111 14.96 -4.02 15.12
N ASP C 112 15.89 -3.60 15.98
CA ASP C 112 17.31 -3.89 15.77
C ASP C 112 17.58 -5.40 15.63
N ILE C 113 16.92 -6.21 16.47
CA ILE C 113 17.06 -7.67 16.38
C ILE C 113 16.40 -8.25 15.09
N LEU C 114 15.24 -7.71 14.71
CA LEU C 114 14.58 -8.08 13.45
C LEU C 114 15.49 -7.85 12.26
N ILE C 115 16.14 -6.69 12.23
CA ILE C 115 17.05 -6.32 11.15
C ILE C 115 18.24 -7.29 11.08
N LEU C 116 18.90 -7.52 12.21
CA LEU C 116 20.00 -8.49 12.26
C LEU C 116 19.53 -9.87 11.81
N ARG C 117 18.39 -10.33 12.36
CA ARG C 117 17.84 -11.67 12.01
C ARG C 117 17.64 -11.86 10.50
N ILE C 118 16.85 -10.98 9.87
CA ILE C 118 16.62 -11.09 8.42
C ILE C 118 17.92 -11.00 7.58
N CYS C 119 18.86 -10.18 8.05
CA CYS C 119 20.14 -10.01 7.36
C CYS C 119 21.06 -11.23 7.48
N THR C 120 20.88 -12.04 8.52
CA THR C 120 21.61 -13.31 8.63
C THR C 120 21.06 -14.36 7.64
N ARG C 121 19.89 -14.10 7.05
CA ARG C 121 19.32 -14.99 6.03
C ARG C 121 19.48 -14.44 4.59
N TYR C 122 20.47 -13.56 4.41
CA TYR C 122 20.82 -13.01 3.11
C TYR C 122 21.61 -14.01 2.29
N THR C 123 21.21 -14.22 1.04
CA THR C 123 21.96 -15.07 0.12
C THR C 123 22.58 -14.19 -0.97
N PRO C 124 23.90 -13.99 -0.92
CA PRO C 124 24.54 -13.00 -1.80
C PRO C 124 24.42 -13.27 -3.32
N GLU C 125 24.47 -14.55 -3.71
CA GLU C 125 24.40 -14.95 -5.13
C GLU C 125 23.06 -14.61 -5.81
N GLN C 126 21.97 -14.69 -5.04
CA GLN C 126 20.65 -14.37 -5.60
C GLN C 126 20.14 -13.02 -5.13
N ASP C 127 20.87 -12.39 -4.21
CA ASP C 127 20.50 -11.10 -3.64
C ASP C 127 19.11 -11.20 -2.98
N THR C 128 18.92 -12.26 -2.19
CA THR C 128 17.63 -12.53 -1.53
C THR C 128 17.72 -12.55 -0.01
N MET C 129 16.58 -12.35 0.64
CA MET C 129 16.45 -12.67 2.05
C MET C 129 15.37 -13.75 2.22
N THR C 130 15.52 -14.59 3.25
CA THR C 130 14.60 -15.70 3.51
C THR C 130 13.96 -15.55 4.89
N PHE C 131 12.62 -15.58 4.94
CA PHE C 131 11.90 -15.53 6.21
C PHE C 131 11.80 -16.91 6.85
N SER C 132 11.29 -16.97 8.09
CA SER C 132 11.32 -18.20 8.91
C SER C 132 10.38 -19.32 8.42
N ASP C 133 9.53 -19.01 7.45
CA ASP C 133 8.74 -20.02 6.77
C ASP C 133 9.37 -20.51 5.45
N GLY C 134 10.55 -19.97 5.12
CA GLY C 134 11.22 -20.29 3.85
C GLY C 134 10.95 -19.30 2.71
N LEU C 135 10.02 -18.36 2.91
CA LEU C 135 9.72 -17.37 1.86
C LEU C 135 11.00 -16.61 1.51
N THR C 136 11.36 -16.62 0.23
CA THR C 136 12.61 -16.07 -0.24
C THR C 136 12.31 -15.01 -1.29
N LEU C 137 12.71 -13.78 -0.99
CA LEU C 137 12.37 -12.61 -1.81
C LEU C 137 13.64 -11.89 -2.27
N ASN C 138 13.64 -11.45 -3.53
CA ASN C 138 14.74 -10.64 -4.07
C ASN C 138 14.67 -9.18 -3.59
N ARG C 139 15.66 -8.36 -3.97
CA ARG C 139 15.74 -6.99 -3.47
C ARG C 139 14.50 -6.14 -3.79
N THR C 140 14.05 -6.18 -5.04
CA THR C 140 12.82 -5.48 -5.44
C THR C 140 11.62 -5.96 -4.64
N GLN C 141 11.50 -7.27 -4.45
CA GLN C 141 10.39 -7.82 -3.64
C GLN C 141 10.45 -7.41 -2.18
N MET C 142 11.65 -7.40 -1.61
CA MET C 142 11.84 -6.88 -0.24
C MET C 142 11.44 -5.41 -0.13
N HIS C 143 11.78 -4.63 -1.15
CA HIS C 143 11.35 -3.22 -1.23
C HIS C 143 9.84 -3.14 -1.12
N ASN C 144 9.17 -3.90 -2.00
CA ASN C 144 7.71 -3.88 -2.14
C ASN C 144 6.99 -4.57 -0.99
N ALA C 145 7.68 -5.45 -0.26
CA ALA C 145 7.12 -6.12 0.92
C ALA C 145 7.05 -5.20 2.13
N GLY C 146 7.94 -4.21 2.19
CA GLY C 146 7.96 -3.31 3.35
C GLY C 146 9.27 -2.61 3.69
N PHE C 147 10.39 -3.02 3.09
CA PHE C 147 11.64 -2.29 3.28
C PHE C 147 11.57 -0.83 2.76
N GLY C 148 10.93 -0.64 1.60
CA GLY C 148 10.72 0.70 1.03
C GLY C 148 12.03 1.47 0.89
N PRO C 149 12.03 2.76 1.25
CA PRO C 149 13.22 3.61 1.04
C PRO C 149 14.48 3.16 1.82
N LEU C 150 14.31 2.19 2.71
CA LEU C 150 15.42 1.66 3.51
C LEU C 150 16.01 0.37 2.93
N THR C 151 15.50 -0.07 1.78
CA THR C 151 15.89 -1.35 1.19
C THR C 151 17.41 -1.47 1.01
N ASP C 152 18.00 -0.47 0.37
CA ASP C 152 19.42 -0.54 0.03
C ASP C 152 20.32 -0.48 1.26
N LEU C 153 19.88 0.26 2.26
CA LEU C 153 20.56 0.36 3.55
C LEU C 153 20.61 -0.98 4.29
N VAL C 154 19.47 -1.68 4.32
CA VAL C 154 19.40 -3.00 4.98
C VAL C 154 20.27 -4.03 4.22
N PHE C 155 20.20 -4.00 2.90
CA PHE C 155 20.99 -4.89 2.05
C PHE C 155 22.50 -4.60 2.13
N ALA C 156 22.87 -3.32 2.28
CA ALA C 156 24.28 -2.96 2.51
C ALA C 156 24.74 -3.58 3.82
N PHE C 157 23.92 -3.44 4.87
CA PHE C 157 24.22 -4.06 6.17
C PHE C 157 24.37 -5.59 6.08
N ALA C 158 23.43 -6.24 5.40
CA ALA C 158 23.51 -7.69 5.17
C ALA C 158 24.85 -8.09 4.52
N ASN C 159 25.20 -7.40 3.43
CA ASN C 159 26.49 -7.59 2.77
C ASN C 159 27.71 -7.33 3.66
N GLN C 160 27.61 -6.35 4.55
CA GLN C 160 28.69 -6.02 5.49
C GLN C 160 28.85 -7.04 6.60
N LEU C 161 27.80 -7.81 6.88
CA LEU C 161 27.87 -8.90 7.84
C LEU C 161 28.70 -10.08 7.34
N LEU C 162 28.65 -10.31 6.03
CA LEU C 162 29.26 -11.49 5.42
C LEU C 162 30.71 -11.74 5.84
N PRO C 163 31.60 -10.72 5.76
CA PRO C 163 33.00 -10.95 6.18
C PRO C 163 33.17 -11.39 7.63
N LEU C 164 32.22 -11.05 8.50
CA LEU C 164 32.29 -11.44 9.90
C LEU C 164 32.15 -12.95 10.10
N GLU C 165 31.49 -13.63 9.15
CA GLU C 165 31.24 -15.08 9.23
C GLU C 165 30.65 -15.52 10.58
N MET C 166 29.63 -14.82 11.04
CA MET C 166 29.06 -15.10 12.36
C MET C 166 28.32 -16.44 12.45
N ASP C 167 28.47 -17.13 13.58
CA ASP C 167 27.70 -18.37 13.83
C ASP C 167 26.51 -18.06 14.77
N ASP C 168 25.70 -19.06 15.08
CA ASP C 168 24.52 -18.89 15.95
C ASP C 168 24.81 -18.29 17.33
N ALA C 169 25.89 -18.76 17.97
CA ALA C 169 26.25 -18.29 19.31
C ALA C 169 26.58 -16.80 19.30
N GLU C 170 27.31 -16.39 18.26
CA GLU C 170 27.70 -15.00 18.09
C GLU C 170 26.51 -14.11 17.72
N THR C 171 25.65 -14.57 16.81
CA THR C 171 24.40 -13.85 16.50
C THR C 171 23.51 -13.71 17.74
N GLY C 172 23.38 -14.80 18.50
CA GLY C 172 22.58 -14.79 19.73
C GLY C 172 23.15 -13.90 20.81
N LEU C 173 24.47 -13.96 20.99
CA LEU C 173 25.14 -13.09 21.97
C LEU C 173 25.05 -11.61 21.59
N LEU C 174 25.28 -11.30 20.32
CA LEU C 174 25.13 -9.93 19.84
C LEU C 174 23.71 -9.38 20.03
N SER C 175 22.71 -10.20 19.68
CA SER C 175 21.30 -9.91 19.96
C SER C 175 21.06 -9.64 21.44
N ALA C 176 21.58 -10.52 22.30
CA ALA C 176 21.44 -10.38 23.75
C ALA C 176 22.07 -9.10 24.26
N ILE C 177 23.23 -8.75 23.72
CA ILE C 177 23.97 -7.54 24.15
C ILE C 177 23.19 -6.28 23.75
N CYS C 178 22.64 -6.29 22.54
CA CYS C 178 21.84 -5.19 22.03
C CYS C 178 20.60 -4.99 22.92
N LEU C 179 19.93 -6.08 23.25
CA LEU C 179 18.74 -6.07 24.11
C LEU C 179 19.01 -5.66 25.57
N ILE C 180 19.95 -6.33 26.21
CA ILE C 180 20.16 -6.13 27.64
C ILE C 180 21.12 -4.95 27.82
N CYS C 181 20.54 -3.75 27.76
CA CYS C 181 21.26 -2.49 27.71
C CYS C 181 20.82 -1.60 28.86
N GLY C 182 21.73 -1.33 29.81
CA GLY C 182 21.40 -0.55 31.02
C GLY C 182 21.24 0.95 30.81
N ASP C 183 21.49 1.42 29.59
CA ASP C 183 21.38 2.84 29.25
C ASP C 183 20.07 3.23 28.52
N ARG C 184 19.14 2.27 28.38
CA ARG C 184 17.81 2.58 27.83
C ARG C 184 17.09 3.58 28.72
N GLN C 185 16.38 4.51 28.09
CA GLN C 185 15.50 5.44 28.81
C GLN C 185 14.43 4.68 29.57
N ASP C 186 14.11 5.16 30.77
CA ASP C 186 12.93 4.71 31.52
C ASP C 186 13.06 3.35 32.24
N LEU C 187 14.29 2.85 32.37
CA LEU C 187 14.52 1.64 33.16
C LEU C 187 14.31 1.94 34.65
N GLU C 188 13.62 1.03 35.33
CA GLU C 188 13.41 1.15 36.76
C GLU C 188 14.66 0.69 37.50
N GLN C 189 15.29 -0.38 37.01
CA GLN C 189 16.49 -0.94 37.66
C GLN C 189 17.66 -1.05 36.67
N PRO C 190 18.20 0.11 36.22
CA PRO C 190 19.27 0.12 35.21
C PRO C 190 20.57 -0.57 35.67
N ASP C 191 20.81 -0.58 36.98
CA ASP C 191 21.95 -1.27 37.58
CA ASP C 191 21.97 -1.27 37.55
C ASP C 191 21.87 -2.78 37.36
N ARG C 192 20.69 -3.35 37.59
CA ARG C 192 20.44 -4.78 37.43
C ARG C 192 20.56 -5.23 35.96
N VAL C 193 20.19 -4.34 35.04
CA VAL C 193 20.35 -4.59 33.61
C VAL C 193 21.85 -4.64 33.24
N ASP C 194 22.60 -3.64 33.70
CA ASP C 194 24.07 -3.60 33.52
C ASP C 194 24.73 -4.89 34.00
N MET C 195 24.32 -5.36 35.17
CA MET C 195 24.81 -6.61 35.76
C MET C 195 24.63 -7.82 34.86
N LEU C 196 23.48 -7.86 34.16
CA LEU C 196 23.17 -8.98 33.25
C LEU C 196 23.97 -8.89 31.95
N GLN C 197 24.31 -7.67 31.54
CA GLN C 197 25.01 -7.46 30.28
C GLN C 197 26.48 -7.84 30.40
N GLU C 198 27.08 -7.56 31.55
CA GLU C 198 28.51 -7.82 31.76
C GLU C 198 28.98 -9.23 31.33
N PRO C 199 28.30 -10.30 31.80
CA PRO C 199 28.71 -11.66 31.42
C PRO C 199 28.51 -11.98 29.93
N LEU C 200 27.52 -11.34 29.30
CA LEU C 200 27.30 -11.51 27.86
C LEU C 200 28.47 -10.95 27.04
N LEU C 201 28.95 -9.77 27.43
CA LEU C 201 30.14 -9.15 26.82
C LEU C 201 31.40 -10.01 26.97
N GLU C 202 31.61 -10.54 28.17
CA GLU C 202 32.72 -11.45 28.44
C GLU C 202 32.58 -12.71 27.60
N ALA C 203 31.34 -13.23 27.55
CA ALA C 203 31.04 -14.43 26.79
C ALA C 203 31.38 -14.26 25.32
N LEU C 204 30.92 -13.17 24.71
CA LEU C 204 31.20 -12.92 23.29
C LEU C 204 32.71 -12.71 23.05
N LYS C 205 33.34 -11.90 23.90
CA LYS C 205 34.78 -11.65 23.79
C LYS C 205 35.61 -12.93 23.78
N VAL C 206 35.35 -13.80 24.76
CA VAL C 206 36.08 -15.07 24.89
C VAL C 206 35.80 -15.99 23.71
N TYR C 207 34.53 -16.13 23.36
CA TYR C 207 34.11 -17.00 22.26
C TYR C 207 34.69 -16.61 20.90
N VAL C 208 34.68 -15.32 20.61
CA VAL C 208 35.19 -14.80 19.34
C VAL C 208 36.72 -15.00 19.27
N ARG C 209 37.38 -14.82 20.40
CA ARG C 209 38.83 -14.98 20.51
C ARG C 209 39.20 -16.44 20.27
N LYS C 210 38.54 -17.35 20.99
CA LYS C 210 38.74 -18.79 20.82
C LYS C 210 38.45 -19.26 19.40
N ARG C 211 37.36 -18.78 18.80
CA ARG C 211 36.95 -19.18 17.45
C ARG C 211 37.91 -18.74 16.35
N ARG C 212 38.38 -17.51 16.42
CA ARG C 212 39.35 -17.00 15.45
C ARG C 212 40.49 -16.26 16.15
N PRO C 213 41.48 -17.01 16.66
CA PRO C 213 42.64 -16.40 17.33
C PRO C 213 43.50 -15.55 16.38
N SER C 214 43.31 -15.75 15.08
CA SER C 214 44.07 -15.06 14.03
C SER C 214 43.56 -13.65 13.72
N ARG C 215 42.29 -13.38 14.08
CA ARG C 215 41.61 -12.13 13.73
C ARG C 215 41.23 -11.33 15.00
N PRO C 216 42.19 -10.57 15.57
CA PRO C 216 42.01 -9.97 16.90
C PRO C 216 40.99 -8.83 17.03
N HIS C 217 40.67 -8.13 15.94
CA HIS C 217 39.69 -7.04 16.04
C HIS C 217 38.24 -7.46 15.78
N MET C 218 38.01 -8.76 15.68
CA MET C 218 36.68 -9.27 15.37
C MET C 218 35.62 -8.90 16.41
N PHE C 219 35.99 -8.97 17.68
CA PHE C 219 35.08 -8.62 18.78
C PHE C 219 34.52 -7.18 18.70
N PRO C 220 35.41 -6.16 18.66
CA PRO C 220 34.91 -4.79 18.50
C PRO C 220 34.19 -4.54 17.18
N LYS C 221 34.64 -5.14 16.10
CA LYS C 221 33.96 -5.07 14.80
C LYS C 221 32.52 -5.57 14.86
N MET C 222 32.31 -6.68 15.58
CA MET C 222 30.99 -7.24 15.77
C MET C 222 30.11 -6.31 16.57
N LEU C 223 30.65 -5.85 17.71
CA LEU C 223 29.96 -4.94 18.61
C LEU C 223 29.51 -3.66 17.94
N MET C 224 30.34 -3.14 17.04
CA MET C 224 30.04 -1.89 16.36
C MET C 224 28.90 -2.04 15.35
N LYS C 225 28.58 -3.28 14.97
CA LYS C 225 27.43 -3.56 14.09
C LYS C 225 26.11 -3.15 14.73
N ILE C 226 26.07 -3.10 16.06
CA ILE C 226 24.88 -2.62 16.77
C ILE C 226 24.60 -1.16 16.43
N THR C 227 25.66 -0.38 16.23
CA THR C 227 25.53 1.02 15.82
C THR C 227 24.85 1.13 14.47
N ASP C 228 25.28 0.27 13.53
CA ASP C 228 24.68 0.21 12.19
C ASP C 228 23.22 -0.22 12.24
N LEU C 229 22.87 -1.17 13.12
CA LEU C 229 21.48 -1.58 13.32
C LEU C 229 20.64 -0.41 13.79
N ARG C 230 21.21 0.39 14.68
CA ARG C 230 20.55 1.57 15.24
C ARG C 230 20.31 2.68 14.23
N SER C 231 21.24 2.88 13.30
CA SER C 231 21.05 3.86 12.22
C SER C 231 19.81 3.51 11.42
N ILE C 232 19.64 2.25 11.08
CA ILE C 232 18.47 1.76 10.35
C ILE C 232 17.18 1.78 11.19
N SER C 233 17.22 1.19 12.39
CA SER C 233 16.02 1.10 13.24
C SER C 233 15.46 2.46 13.66
N ALA C 234 16.35 3.43 13.89
CA ALA C 234 15.93 4.79 14.24
C ALA C 234 15.07 5.44 13.14
N LYS C 235 15.45 5.23 11.88
CA LYS C 235 14.65 5.65 10.73
C LYS C 235 13.36 4.83 10.57
N GLY C 236 13.48 3.51 10.69
CA GLY C 236 12.34 2.58 10.58
C GLY C 236 11.22 2.80 11.59
N ALA C 237 11.61 2.97 12.86
CA ALA C 237 10.67 3.15 13.98
C ALA C 237 9.69 4.31 13.81
N GLU C 238 10.15 5.37 13.14
CA GLU C 238 9.39 6.61 12.95
CA GLU C 238 9.35 6.58 13.00
C GLU C 238 8.40 6.53 11.80
N ARG C 239 8.54 5.52 10.95
CA ARG C 239 7.67 5.35 9.77
C ARG C 239 6.21 5.11 10.13
N VAL C 240 5.31 5.88 9.51
CA VAL C 240 3.88 5.66 9.63
C VAL C 240 3.50 4.50 8.69
N ILE C 241 3.04 3.40 9.27
CA ILE C 241 2.66 2.22 8.48
C ILE C 241 1.12 2.08 8.42
N THR C 242 0.65 1.30 7.45
CA THR C 242 -0.79 1.04 7.29
C THR C 242 -1.12 -0.40 7.63
N LEU C 243 -2.23 -0.58 8.36
CA LEU C 243 -2.67 -1.91 8.79
C LEU C 243 -4.19 -2.04 8.67
N LYS C 244 -4.67 -3.28 8.61
CA LYS C 244 -6.12 -3.57 8.65
C LYS C 244 -6.71 -3.26 10.03
N MET C 245 -7.90 -2.66 10.06
CA MET C 245 -8.63 -2.53 11.32
C MET C 245 -9.72 -3.61 11.44
N GLU C 246 -9.54 -4.54 12.39
CA GLU C 246 -8.38 -4.55 13.30
C GLU C 246 -8.76 -4.05 14.68
N ARG D 1 -5.80 1.66 8.63
CA ARG D 1 -5.48 2.52 9.79
C ARG D 1 -3.99 2.79 9.79
N LEU D 2 -3.62 3.94 10.34
CA LEU D 2 -2.24 4.38 10.38
C LEU D 2 -1.71 4.30 11.79
N ILE D 3 -0.43 3.95 11.91
CA ILE D 3 0.24 3.84 13.21
C ILE D 3 1.73 3.92 12.94
N THR D 4 2.51 4.51 13.86
CA THR D 4 3.95 4.49 13.66
C THR D 4 4.43 3.06 13.92
N LEU D 5 5.52 2.66 13.29
CA LEU D 5 6.04 1.32 13.49
C LEU D 5 6.37 1.09 14.97
N ALA D 6 6.98 2.09 15.59
CA ALA D 6 7.36 2.02 17.01
C ALA D 6 6.17 1.73 17.93
N ASP D 7 5.03 2.39 17.66
CA ASP D 7 3.80 2.20 18.45
C ASP D 7 3.18 0.82 18.22
N HIS D 8 3.20 0.37 16.96
CA HIS D 8 2.78 -0.99 16.66
C HIS D 8 3.62 -2.08 17.34
N ILE D 9 4.95 -1.98 17.23
CA ILE D 9 5.89 -2.87 17.94
C ILE D 9 5.58 -2.88 19.44
N CSO D 10 5.37 -1.69 20.03
CA CSO D 10 5.11 -1.58 21.48
CB CSO D 10 4.96 -0.10 21.89
SG CSO D 10 4.34 0.04 23.59
C CSO D 10 3.81 -2.34 21.80
O CSO D 10 3.74 -3.05 22.80
OD CSO D 10 2.61 0.48 23.68
N GLN D 11 2.80 -2.20 20.93
CA GLN D 11 1.52 -2.86 21.12
C GLN D 11 1.61 -4.38 21.11
N ILE D 12 2.36 -4.92 20.14
CA ILE D 12 2.58 -6.37 20.02
C ILE D 12 3.25 -6.94 21.28
N ILE D 13 4.27 -6.24 21.79
CA ILE D 13 5.05 -6.70 22.93
C ILE D 13 4.26 -6.60 24.24
N THR D 14 3.57 -5.47 24.43
CA THR D 14 2.74 -5.25 25.61
C THR D 14 1.60 -6.28 25.71
N GLN D 15 0.96 -6.57 24.58
CA GLN D 15 -0.11 -7.56 24.54
C GLN D 15 0.41 -8.98 24.82
N ASP D 16 1.65 -9.25 24.43
CA ASP D 16 2.24 -10.57 24.66
C ASP D 16 2.54 -10.85 26.15
N PHE D 17 2.80 -9.79 26.92
CA PHE D 17 3.06 -9.89 28.36
C PHE D 17 1.78 -9.85 29.20
N ALA D 18 0.64 -9.58 28.56
CA ALA D 18 -0.64 -9.51 29.23
C ALA D 18 -0.99 -10.87 29.84
N ARG D 19 -1.59 -10.84 31.02
CA ARG D 19 -2.00 -12.04 31.74
C ARG D 19 -3.36 -11.85 32.40
CAA EQO E . -6.93 8.53 -11.88
CAB EQO E . -6.63 9.41 -9.57
OAC EQO E . -19.63 6.26 -7.48
OAD EQO E . -18.87 4.68 -6.21
CAE EQO E . -8.51 4.28 -9.74
CAF EQO E . -8.89 3.15 -9.77
CAG EQO E . -13.29 6.31 -9.07
CAH EQO E . -12.81 7.36 -9.73
CAI EQO E . -6.78 5.76 -10.04
CAJ EQO E . -10.12 -0.77 -9.87
CAK EQO E . -9.24 -0.33 -8.87
CAL EQO E . -10.56 0.13 -10.84
CAM EQO E . -8.82 1.00 -8.83
CAN EQO E . -10.13 1.46 -10.82
CAO EQO E . -15.77 6.95 -9.18
CAP EQO E . -14.98 5.20 -7.70
CAQ EQO E . -10.86 8.77 -10.14
CAR EQO E . -17.07 6.76 -8.68
CAS EQO E . -16.28 5.00 -7.23
CAT EQO E . -9.51 8.99 -10.28
CAU EQO E . -10.47 6.42 -9.84
CAV EQO E . -6.30 7.05 -10.25
CAW EQO E . -18.70 5.54 -7.12
CAX EQO E . -8.13 5.50 -9.90
CAY EQO E . -9.27 1.91 -9.81
CAZ EQO E . -14.73 6.15 -8.69
CBA EQO E . -11.35 7.49 -9.93
CBB EQO E . -17.33 5.77 -7.70
CBC EQO E . -9.09 6.65 -9.98
CBD EQO E . -8.59 7.94 -10.20
CBE EQO E . -7.15 8.23 -10.40
C1 GOL F . -13.49 13.23 7.55
O1 GOL F . -14.80 13.57 7.14
C2 GOL F . -13.39 13.21 9.06
O2 GOL F . -12.05 12.93 9.42
C3 GOL F . -14.31 12.13 9.62
O3 GOL F . -14.55 12.35 10.99
C1 GOL G . -13.26 2.61 6.83
O1 GOL G . -12.14 2.19 6.07
C2 GOL G . -14.53 2.05 6.19
O2 GOL G . -14.30 1.83 4.83
C3 GOL G . -15.69 3.04 6.34
O3 GOL G . -16.55 2.61 7.39
C1 GOL H . -7.87 6.64 -22.31
O1 GOL H . -7.09 5.81 -23.13
C2 GOL H . -7.09 7.32 -21.20
O2 GOL H . -5.70 7.19 -21.41
C3 GOL H . -7.54 6.76 -19.86
O3 GOL H . -8.93 6.99 -19.65
C1 GOL I . -27.08 24.78 -18.04
O1 GOL I . -26.88 25.29 -19.35
C2 GOL I . -25.77 24.83 -17.27
O2 GOL I . -25.88 24.05 -16.09
C3 GOL I . -25.37 26.27 -16.97
O3 GOL I . -25.60 26.57 -15.61
CAA EQO J . 13.16 -1.08 9.39
CAB EQO J . 13.22 -1.61 6.98
OAC EQO J . 12.46 -14.70 10.27
OAD EQO J . 10.44 -14.58 9.53
CAE EQO J . 8.86 -3.65 9.51
CAF EQO J . 7.91 -4.12 10.09
CAG EQO J . 11.55 -8.23 9.73
CAH EQO J . 12.62 -7.43 9.75
CAI EQO J . 9.99 -1.83 8.70
CAJ EQO J . 4.59 -5.68 11.91
CAK EQO J . 4.51 -5.16 10.62
CAL EQO J . 5.81 -5.65 12.59
CAM EQO J . 5.64 -4.63 10.00
CAN EQO J . 6.95 -5.10 11.96
CAO EQO J . 12.76 -10.41 10.35
CAP EQO J . 10.51 -10.42 9.46
CAQ EQO J . 13.65 -5.35 9.01
CAR EQO J . 12.71 -11.83 10.38
CAS EQO J . 10.47 -11.80 9.50
CAT EQO J . 13.62 -4.01 8.63
CAU EQO J . 11.28 -5.28 9.45
CAV EQO J . 11.16 -1.21 8.28
CAW EQO J . 11.47 -14.03 9.95
CAX EQO J . 9.98 -3.16 9.10
CAY EQO J . 6.86 -4.60 10.67
CAZ EQO J . 11.63 -9.71 9.90
CBA EQO J . 12.49 -5.98 9.45
CBB EQO J . 11.57 -12.52 9.96
CBC EQO J . 11.26 -3.92 9.07
CBD EQO J . 12.43 -3.28 8.65
CBE EQO J . 12.47 -1.85 8.27
C1 GOL K . 34.93 -14.34 14.85
O1 GOL K . 35.04 -15.31 15.87
C2 GOL K . 34.52 -15.03 13.56
O2 GOL K . 35.13 -14.44 12.43
C3 GOL K . 33.02 -15.04 13.42
O3 GOL K . 32.58 -16.37 13.29
C1 GOL L . 5.68 1.01 3.25
O1 GOL L . 6.40 -0.17 3.00
C2 GOL L . 5.03 0.95 4.61
O2 GOL L . 5.87 0.27 5.53
C3 GOL L . 3.71 0.20 4.50
O3 GOL L . 2.78 0.81 5.35
C1 GOL M . 11.87 -15.53 -9.31
O1 GOL M . 10.67 -16.24 -9.11
C2 GOL M . 11.86 -14.24 -8.49
O2 GOL M . 11.70 -13.13 -9.35
C3 GOL M . 13.18 -14.10 -7.73
O3 GOL M . 13.09 -14.79 -6.51
C1 GOL N . 39.57 -6.73 20.70
O1 GOL N . 40.75 -7.21 20.10
C2 GOL N . 39.05 -7.61 21.84
O2 GOL N . 38.68 -6.79 22.91
C3 GOL N . 40.03 -8.67 22.34
O3 GOL N . 39.30 -9.79 22.81
C1 GOL O . 14.74 3.35 17.86
O1 GOL O . 15.99 3.07 17.24
C2 GOL O . 14.21 2.11 18.57
O2 GOL O . 14.72 2.04 19.89
C3 GOL O . 14.59 0.84 17.81
O3 GOL O . 13.64 0.57 16.81
#